data_5AMM
#
_entry.id   5AMM
#
_cell.length_a   46.249
_cell.length_b   78.310
_cell.length_c   160.977
_cell.angle_alpha   90.00
_cell.angle_beta   90.00
_cell.angle_gamma   90.00
#
_symmetry.space_group_name_H-M   'P 21 21 21'
#
loop_
_entity.id
_entity.type
_entity.pdbx_description
1 polymer 'ASCORBATE PEROXIDASE'
2 non-polymer 'PROTOPORPHYRIN IX CONTAINING FE'
3 non-polymer 'POTASSIUM ION'
4 non-polymer 'CALCIUM ION'
5 water water
#
_entity_poly.entity_id   1
_entity_poly.type   'polypeptide(L)'
_entity_poly.pdbx_seq_one_letter_code
;SEEPPFDIRALRADIEDMISEKLELGPSLIRLAWHEAASYDCFKKDGSPNSASMRFKPECLYAGNKGLDIPRKALETLKK
KYPQISYADLWVLAAYVAIEYMGGPTIPFCWGRVDAKDGSVCGPDGRLPDGSKTQSHVREVFRRLGFNDQETVALIGAHT
CGECHIEFSGYHGPWTHNKNGFDNSFFTQLLDEDWVLNPKVEQMQLMDRATTKLMMLPSDVCLLLDPSYRKYVELYAKDN
DRFNKDFANAFKKLTELGTRNLHKAPASES
;
_entity_poly.pdbx_strand_id   A,B
#
loop_
_chem_comp.id
_chem_comp.type
_chem_comp.name
_chem_comp.formula
CA non-polymer 'CALCIUM ION' 'Ca 2'
HEM non-polymer 'PROTOPORPHYRIN IX CONTAINING FE' 'C34 H32 Fe N4 O4'
K non-polymer 'POTASSIUM ION' 'K 1'
#
# COMPACT_ATOMS: atom_id res chain seq x y z
N SER A 1 -16.85 -16.62 20.59
CA SER A 1 -17.00 -17.52 21.77
C SER A 1 -16.16 -17.03 22.97
N GLU A 2 -14.83 -17.09 22.83
CA GLU A 2 -13.90 -16.78 23.92
C GLU A 2 -12.86 -15.71 23.55
N GLU A 3 -12.70 -14.75 24.45
CA GLU A 3 -11.71 -13.70 24.29
C GLU A 3 -10.28 -14.23 24.38
N PRO A 4 -9.47 -13.93 23.35
CA PRO A 4 -8.06 -14.27 23.46
C PRO A 4 -7.34 -13.37 24.46
N PRO A 5 -6.17 -13.82 24.95
CA PRO A 5 -5.43 -13.04 25.91
C PRO A 5 -4.63 -11.89 25.30
N PHE A 6 -4.68 -11.71 23.99
CA PHE A 6 -4.01 -10.58 23.34
C PHE A 6 -5.12 -9.68 22.83
N ASP A 7 -4.84 -8.40 22.60
CA ASP A 7 -5.84 -7.48 22.01
C ASP A 7 -6.05 -7.74 20.50
N ILE A 8 -6.92 -8.70 20.19
CA ILE A 8 -7.17 -9.09 18.81
C ILE A 8 -7.61 -7.93 17.88
N ARG A 9 -8.47 -7.05 18.38
CA ARG A 9 -8.96 -5.90 17.62
C ARG A 9 -7.80 -5.00 17.22
N ALA A 10 -7.00 -4.60 18.19
CA ALA A 10 -5.86 -3.72 17.90
C ALA A 10 -4.88 -4.42 16.97
N LEU A 11 -4.71 -5.72 17.20
CA LEU A 11 -3.74 -6.49 16.42
C LEU A 11 -4.22 -6.54 14.96
N ARG A 12 -5.50 -6.88 14.74
CA ARG A 12 -6.09 -6.93 13.39
C ARG A 12 -5.77 -5.61 12.67
N ALA A 13 -5.95 -4.52 13.37
CA ALA A 13 -5.70 -3.18 12.86
C ALA A 13 -4.22 -2.93 12.55
N ASP A 14 -3.32 -3.39 13.41
CA ASP A 14 -1.88 -3.25 13.14
C ASP A 14 -1.48 -4.07 11.92
N ILE A 15 -2.11 -5.22 11.73
CA ILE A 15 -1.77 -6.03 10.59
C ILE A 15 -2.33 -5.40 9.29
N GLU A 16 -3.54 -4.84 9.33
CA GLU A 16 -4.02 -4.08 8.13
C GLU A 16 -3.10 -2.90 7.86
N ASP A 17 -2.67 -2.21 8.89
CA ASP A 17 -1.73 -1.09 8.69
C ASP A 17 -0.44 -1.57 8.04
N MET A 18 0.14 -2.64 8.58
CA MET A 18 1.39 -3.13 8.03
C MET A 18 1.23 -3.54 6.58
N ILE A 19 0.13 -4.19 6.27
CA ILE A 19 -0.09 -4.58 4.88
C ILE A 19 -0.24 -3.33 4.04
N SER A 20 -0.91 -2.31 4.56
CA SER A 20 -1.18 -1.14 3.74
C SER A 20 0.12 -0.36 3.47
N GLU A 21 1.08 -0.42 4.39
CA GLU A 21 2.37 0.27 4.21
C GLU A 21 3.23 -0.53 3.23
N LYS A 22 2.88 -1.80 3.01
CA LYS A 22 3.63 -2.60 2.07
C LYS A 22 2.77 -3.72 1.50
N LEU A 23 2.16 -3.40 0.37
CA LEU A 23 1.03 -4.13 -0.12
C LEU A 23 1.46 -5.55 -0.50
N GLU A 24 2.62 -5.69 -1.12
CA GLU A 24 3.14 -7.01 -1.52
C GLU A 24 3.36 -7.95 -0.34
N LEU A 25 3.34 -7.46 0.90
CA LEU A 25 3.24 -8.34 2.05
C LEU A 25 1.93 -9.18 2.15
N GLY A 26 0.79 -8.66 1.67
CA GLY A 26 -0.47 -9.42 1.76
C GLY A 26 -0.31 -10.86 1.23
N PRO A 27 0.11 -10.98 -0.02
CA PRO A 27 0.29 -12.37 -0.53
C PRO A 27 1.40 -13.18 0.20
N SER A 28 2.50 -12.56 0.62
CA SER A 28 3.54 -13.40 1.28
C SER A 28 3.11 -13.93 2.65
N LEU A 29 2.17 -13.26 3.31
CA LEU A 29 1.71 -13.72 4.62
C LEU A 29 0.82 -14.97 4.42
N ILE A 30 0.09 -15.00 3.30
CA ILE A 30 -0.77 -16.14 2.99
C ILE A 30 0.14 -17.33 2.72
N ARG A 31 1.20 -17.06 1.94
CA ARG A 31 2.13 -18.15 1.58
C ARG A 31 2.87 -18.63 2.78
N LEU A 32 3.20 -17.71 3.68
CA LEU A 32 3.88 -18.09 4.93
C LEU A 32 2.99 -19.09 5.71
N ALA A 33 1.70 -18.81 5.78
CA ALA A 33 0.83 -19.59 6.67
C ALA A 33 0.62 -20.94 6.05
N TRP A 34 0.46 -20.93 4.74
CA TRP A 34 0.30 -22.16 3.93
C TRP A 34 1.53 -23.05 4.06
N HIS A 35 2.71 -22.48 3.88
CA HIS A 35 3.91 -23.31 4.04
C HIS A 35 4.16 -23.80 5.47
N GLU A 36 3.69 -23.11 6.48
CA GLU A 36 3.86 -23.64 7.86
C GLU A 36 2.89 -24.81 8.12
N ALA A 37 1.81 -24.89 7.33
CA ALA A 37 0.88 -26.00 7.48
C ALA A 37 1.21 -27.17 6.52
N ALA A 38 1.99 -26.87 5.47
CA ALA A 38 2.15 -27.83 4.35
C ALA A 38 3.12 -28.99 4.61
N SER A 39 3.77 -29.01 5.78
CA SER A 39 4.64 -30.11 6.17
C SER A 39 3.93 -31.36 6.71
N TYR A 40 2.63 -31.29 6.88
CA TYR A 40 1.84 -32.30 7.55
C TYR A 40 1.75 -33.53 6.68
N ASP A 41 1.68 -34.68 7.32
CA ASP A 41 1.44 -35.95 6.65
C ASP A 41 0.36 -36.61 7.51
N CYS A 42 -0.85 -36.66 6.97
CA CYS A 42 -1.97 -37.20 7.70
C CYS A 42 -1.92 -38.72 7.84
N PHE A 43 -1.15 -39.41 6.98
CA PHE A 43 -0.99 -40.85 7.11
C PHE A 43 0.04 -41.14 8.18
N LYS A 44 1.16 -40.45 8.13
CA LYS A 44 2.18 -40.65 9.18
C LYS A 44 1.91 -39.87 10.44
N LYS A 45 1.06 -38.88 10.37
CA LYS A 45 0.78 -37.99 11.50
C LYS A 45 2.04 -37.38 12.04
N ASP A 46 2.83 -36.80 11.15
CA ASP A 46 3.96 -36.01 11.60
C ASP A 46 4.06 -34.76 10.79
N GLY A 47 5.05 -33.98 11.16
CA GLY A 47 5.47 -32.79 10.41
C GLY A 47 5.16 -31.44 11.03
N SER A 48 4.55 -31.43 12.22
CA SER A 48 4.38 -30.19 13.03
C SER A 48 3.77 -28.95 12.30
N PRO A 49 2.65 -29.17 11.60
CA PRO A 49 2.01 -28.06 10.95
C PRO A 49 1.50 -27.05 11.95
N ASN A 50 1.47 -25.80 11.54
CA ASN A 50 0.74 -24.78 12.28
C ASN A 50 1.28 -24.62 13.67
N SER A 51 2.60 -24.78 13.77
CA SER A 51 3.33 -24.65 15.01
C SER A 51 4.42 -23.55 14.94
N ALA A 52 4.48 -22.80 13.86
CA ALA A 52 5.59 -21.85 13.56
C ALA A 52 6.94 -22.53 13.64
N SER A 53 7.02 -23.77 13.14
CA SER A 53 8.30 -24.50 13.20
C SER A 53 9.30 -24.03 12.15
N MET A 54 8.81 -23.34 11.12
CA MET A 54 9.64 -22.69 10.13
C MET A 54 10.56 -21.58 10.72
N ARG A 55 10.37 -21.20 11.97
CA ARG A 55 11.40 -20.36 12.65
C ARG A 55 12.75 -21.00 12.77
N PHE A 56 12.82 -22.33 12.69
CA PHE A 56 14.01 -23.09 13.05
C PHE A 56 14.66 -23.67 11.82
N LYS A 57 15.97 -23.86 11.90
CA LYS A 57 16.71 -24.69 10.97
C LYS A 57 16.36 -26.13 11.33
N PRO A 58 16.24 -27.01 10.34
CA PRO A 58 16.54 -26.76 8.93
C PRO A 58 15.34 -26.31 8.05
N GLU A 59 14.09 -26.39 8.54
CA GLU A 59 12.89 -26.01 7.73
C GLU A 59 12.98 -24.59 7.09
N CYS A 60 13.52 -23.61 7.81
CA CYS A 60 13.62 -22.28 7.25
C CYS A 60 14.55 -22.23 6.04
N LEU A 61 15.44 -23.22 5.89
CA LEU A 61 16.40 -23.27 4.78
C LEU A 61 15.92 -24.13 3.60
N TYR A 62 14.79 -24.83 3.74
CA TYR A 62 14.26 -25.58 2.58
C TYR A 62 14.00 -24.67 1.37
N ALA A 63 14.44 -25.15 0.19
CA ALA A 63 14.31 -24.39 -1.05
C ALA A 63 12.94 -23.77 -1.18
N GLY A 64 11.92 -24.57 -0.95
CA GLY A 64 10.56 -24.08 -1.08
C GLY A 64 10.13 -22.97 -0.11
N ASN A 65 10.95 -22.64 0.90
CA ASN A 65 10.56 -21.61 1.85
C ASN A 65 11.36 -20.39 1.61
N LYS A 66 12.06 -20.38 0.48
CA LYS A 66 12.93 -19.26 0.24
C LYS A 66 12.14 -17.95 0.09
N GLY A 67 12.66 -16.90 0.69
CA GLY A 67 11.97 -15.60 0.77
C GLY A 67 10.96 -15.42 1.93
N LEU A 68 10.59 -16.49 2.65
CA LEU A 68 9.60 -16.36 3.73
C LEU A 68 10.14 -15.72 5.01
N ASP A 69 11.45 -15.48 5.06
CA ASP A 69 12.01 -14.62 6.11
C ASP A 69 11.39 -13.20 6.14
N ILE A 70 10.94 -12.70 4.99
CA ILE A 70 10.43 -11.34 4.90
C ILE A 70 9.15 -11.18 5.73
N PRO A 71 8.10 -11.96 5.41
CA PRO A 71 6.95 -11.90 6.29
C PRO A 71 7.25 -12.33 7.73
N ARG A 72 8.09 -13.32 7.98
CA ARG A 72 8.40 -13.61 9.39
C ARG A 72 8.99 -12.40 10.09
N LYS A 73 9.96 -11.76 9.46
CA LYS A 73 10.59 -10.62 10.13
C LYS A 73 9.58 -9.52 10.38
N ALA A 74 8.75 -9.25 9.40
CA ALA A 74 7.74 -8.19 9.51
C ALA A 74 6.83 -8.49 10.70
N LEU A 75 6.48 -9.75 10.92
CA LEU A 75 5.60 -10.08 12.01
C LEU A 75 6.28 -10.03 13.39
N GLU A 76 7.61 -10.14 13.42
CA GLU A 76 8.34 -10.06 14.68
C GLU A 76 7.99 -8.79 15.42
N THR A 77 7.83 -7.72 14.67
CA THR A 77 7.50 -6.41 15.25
C THR A 77 6.20 -6.49 16.00
N LEU A 78 5.24 -7.22 15.46
CA LEU A 78 3.96 -7.39 16.14
C LEU A 78 4.01 -8.35 17.32
N LYS A 79 4.77 -9.42 17.21
CA LYS A 79 4.88 -10.35 18.34
C LYS A 79 5.37 -9.58 19.55
N LYS A 80 6.34 -8.71 19.30
CA LYS A 80 6.90 -7.86 20.31
C LYS A 80 5.83 -6.99 20.92
N LYS A 81 4.98 -6.41 20.08
CA LYS A 81 3.98 -5.50 20.59
C LYS A 81 2.82 -6.23 21.29
N TYR A 82 2.53 -7.46 20.89
CA TYR A 82 1.47 -8.27 21.49
C TYR A 82 1.99 -9.62 21.99
N PRO A 83 2.77 -9.65 23.10
CA PRO A 83 3.53 -10.83 23.49
C PRO A 83 2.70 -12.07 23.84
N GLN A 84 1.41 -11.92 24.06
CA GLN A 84 0.65 -13.08 24.54
C GLN A 84 0.28 -13.97 23.37
N ILE A 85 0.41 -13.50 22.14
CA ILE A 85 0.02 -14.32 21.02
C ILE A 85 1.18 -15.27 20.71
N SER A 86 0.88 -16.54 20.43
CA SER A 86 1.93 -17.46 19.88
C SER A 86 2.29 -17.02 18.46
N TYR A 87 3.49 -17.37 17.98
CA TYR A 87 3.83 -17.03 16.60
C TYR A 87 2.93 -17.74 15.66
N ALA A 88 2.46 -18.93 16.08
CA ALA A 88 1.72 -19.79 15.19
C ALA A 88 0.35 -19.17 14.95
N ASP A 89 -0.31 -18.77 16.03
CA ASP A 89 -1.55 -17.94 15.98
C ASP A 89 -1.40 -16.68 15.14
N LEU A 90 -0.31 -15.97 15.37
CA LEU A 90 -0.03 -14.74 14.69
C LEU A 90 0.12 -14.94 13.20
N TRP A 91 0.80 -16.03 12.80
CA TRP A 91 1.04 -16.26 11.41
C TRP A 91 -0.29 -16.56 10.71
N VAL A 92 -1.10 -17.40 11.32
CA VAL A 92 -2.45 -17.73 10.81
C VAL A 92 -3.34 -16.50 10.79
N LEU A 93 -3.38 -15.79 11.91
CA LEU A 93 -4.23 -14.62 11.93
C LEU A 93 -3.84 -13.58 10.83
N ALA A 94 -2.56 -13.44 10.55
CA ALA A 94 -2.13 -12.42 9.57
C ALA A 94 -2.53 -12.83 8.17
N ALA A 95 -2.49 -14.13 7.86
CA ALA A 95 -2.97 -14.60 6.57
C ALA A 95 -4.48 -14.28 6.38
N TYR A 96 -5.28 -14.56 7.40
CA TYR A 96 -6.73 -14.28 7.34
C TYR A 96 -7.03 -12.80 7.09
N VAL A 97 -6.32 -11.92 7.82
CA VAL A 97 -6.48 -10.49 7.63
C VAL A 97 -6.10 -10.12 6.20
N ALA A 98 -4.99 -10.68 5.75
CA ALA A 98 -4.52 -10.42 4.38
C ALA A 98 -5.58 -10.80 3.34
N ILE A 99 -6.14 -12.01 3.47
CA ILE A 99 -7.18 -12.47 2.58
C ILE A 99 -8.39 -11.53 2.59
N GLU A 100 -8.91 -11.21 3.77
CA GLU A 100 -9.95 -10.22 3.89
C GLU A 100 -9.60 -8.81 3.28
N TYR A 101 -8.43 -8.29 3.62
CA TYR A 101 -7.99 -6.95 3.23
C TYR A 101 -7.96 -6.79 1.73
N MET A 102 -7.55 -7.84 1.06
CA MET A 102 -7.49 -7.89 -0.37
C MET A 102 -8.81 -8.21 -1.07
N GLY A 103 -9.91 -8.25 -0.32
CA GLY A 103 -11.21 -8.47 -0.91
C GLY A 103 -11.66 -9.90 -0.82
N GLY A 104 -10.92 -10.75 -0.13
CA GLY A 104 -11.34 -12.15 -0.03
C GLY A 104 -12.38 -12.41 1.04
N PRO A 105 -12.73 -13.67 1.30
CA PRO A 105 -13.67 -13.94 2.41
C PRO A 105 -13.10 -13.64 3.79
N THR A 106 -13.98 -13.42 4.75
CA THR A 106 -13.70 -13.31 6.17
C THR A 106 -13.79 -14.70 6.76
N ILE A 107 -12.67 -15.25 7.16
CA ILE A 107 -12.57 -16.61 7.66
C ILE A 107 -12.63 -16.56 9.18
N PRO A 108 -13.53 -17.32 9.82
CA PRO A 108 -13.57 -17.36 11.30
C PRO A 108 -12.23 -17.81 11.91
N PHE A 109 -11.65 -17.01 12.81
CA PHE A 109 -10.40 -17.34 13.46
C PHE A 109 -10.56 -18.17 14.73
N CYS A 110 -9.78 -19.24 14.83
CA CYS A 110 -9.59 -19.92 16.12
C CYS A 110 -8.17 -19.72 16.62
N TRP A 111 -8.07 -19.50 17.93
CA TRP A 111 -6.82 -19.22 18.58
C TRP A 111 -6.44 -20.29 19.64
N GLY A 112 -5.16 -20.26 20.07
CA GLY A 112 -4.63 -21.18 21.07
C GLY A 112 -3.55 -22.15 20.57
N ARG A 113 -2.96 -21.89 19.42
CA ARG A 113 -1.89 -22.74 18.90
C ARG A 113 -0.61 -22.60 19.73
N VAL A 114 0.09 -23.71 19.89
CA VAL A 114 1.29 -23.77 20.70
C VAL A 114 2.46 -23.77 19.74
N ASP A 115 3.46 -22.93 20.01
CA ASP A 115 4.71 -22.91 19.21
C ASP A 115 5.64 -24.10 19.46
N ALA A 116 6.25 -24.59 18.40
CA ALA A 116 7.28 -25.57 18.52
C ALA A 116 8.44 -24.89 19.23
N LYS A 117 9.12 -25.65 20.07
CA LYS A 117 10.16 -25.11 20.91
C LYS A 117 11.57 -25.26 20.32
N ASP A 118 11.73 -26.14 19.36
CA ASP A 118 13.02 -26.40 18.76
C ASP A 118 12.78 -27.09 17.45
N GLY A 119 13.85 -27.32 16.70
CA GLY A 119 13.71 -27.75 15.32
C GLY A 119 13.62 -29.23 15.14
N SER A 120 13.68 -29.99 16.23
CA SER A 120 13.53 -31.45 16.20
C SER A 120 12.10 -31.90 15.82
N VAL A 121 11.12 -31.00 15.87
CA VAL A 121 9.74 -31.38 15.45
C VAL A 121 9.44 -31.09 13.99
N CYS A 122 10.36 -30.37 13.33
CA CYS A 122 10.19 -29.98 11.92
C CYS A 122 10.07 -31.24 11.10
N GLY A 123 9.29 -31.17 10.03
CA GLY A 123 9.18 -32.30 9.12
C GLY A 123 10.33 -32.30 8.14
N PRO A 124 10.52 -33.42 7.44
CA PRO A 124 11.56 -33.49 6.41
C PRO A 124 11.37 -32.52 5.25
N ASP A 125 12.43 -32.34 4.50
CA ASP A 125 12.37 -31.61 3.27
C ASP A 125 11.57 -32.50 2.31
N GLY A 126 11.23 -31.96 1.15
CA GLY A 126 10.42 -32.65 0.14
C GLY A 126 8.93 -32.81 0.33
N ARG A 127 8.34 -32.11 1.30
CA ARG A 127 6.90 -32.11 1.50
C ARG A 127 6.14 -30.97 0.84
N LEU A 128 6.86 -29.89 0.54
CA LEU A 128 6.30 -28.76 -0.17
C LEU A 128 6.15 -29.11 -1.60
N PRO A 129 5.09 -28.67 -2.26
CA PRO A 129 4.87 -29.07 -3.65
C PRO A 129 5.78 -28.35 -4.62
N ASP A 130 6.09 -29.01 -5.73
CA ASP A 130 7.04 -28.60 -6.76
C ASP A 130 6.26 -28.05 -7.99
N GLY A 131 6.38 -26.75 -8.26
CA GLY A 131 5.71 -26.09 -9.37
C GLY A 131 6.06 -26.63 -10.74
N SER A 132 7.18 -27.35 -10.86
CA SER A 132 7.57 -27.92 -12.18
C SER A 132 6.86 -29.22 -12.49
N LYS A 133 6.17 -29.78 -11.49
CA LYS A 133 5.47 -31.02 -11.64
C LYS A 133 3.99 -30.81 -11.85
N THR A 134 3.31 -31.92 -12.17
CA THR A 134 1.92 -31.82 -12.60
C THR A 134 0.98 -32.62 -11.69
N GLN A 135 -0.09 -33.21 -12.26
CA GLN A 135 -1.22 -33.61 -11.46
C GLN A 135 -0.95 -34.81 -10.55
N SER A 136 -0.15 -35.76 -11.01
CA SER A 136 0.23 -36.87 -10.15
C SER A 136 0.78 -36.45 -8.83
N HIS A 137 1.72 -35.55 -8.93
CA HIS A 137 2.43 -35.00 -7.80
C HIS A 137 1.51 -34.14 -6.97
N VAL A 138 0.73 -33.29 -7.64
CA VAL A 138 -0.17 -32.41 -6.92
C VAL A 138 -1.14 -33.23 -6.04
N ARG A 139 -1.76 -34.28 -6.62
CA ARG A 139 -2.75 -35.07 -5.90
C ARG A 139 -2.09 -35.82 -4.76
N GLU A 140 -0.90 -36.33 -5.01
CA GLU A 140 -0.10 -36.97 -3.99
C GLU A 140 0.22 -36.09 -2.82
N VAL A 141 0.63 -34.85 -3.10
CA VAL A 141 0.87 -33.90 -2.00
C VAL A 141 -0.42 -33.56 -1.19
N PHE A 142 -1.47 -33.19 -1.90
CA PHE A 142 -2.70 -32.85 -1.22
C PHE A 142 -3.42 -34.04 -0.56
N ARG A 143 -3.35 -35.25 -1.12
CA ARG A 143 -3.84 -36.43 -0.39
C ARG A 143 -3.08 -36.52 0.93
N ARG A 144 -1.77 -36.45 0.85
CA ARG A 144 -0.93 -36.60 2.04
C ARG A 144 -1.30 -35.54 3.10
N LEU A 145 -1.84 -34.40 2.67
CA LEU A 145 -2.25 -33.38 3.63
C LEU A 145 -3.65 -33.59 4.23
N GLY A 146 -4.48 -34.40 3.58
CA GLY A 146 -5.84 -34.59 4.05
C GLY A 146 -6.90 -33.91 3.19
N PHE A 147 -6.56 -33.39 2.02
CA PHE A 147 -7.54 -32.69 1.16
C PHE A 147 -8.04 -33.55 0.01
N ASN A 148 -9.27 -33.39 -0.40
CA ASN A 148 -9.76 -33.99 -1.62
C ASN A 148 -9.55 -33.06 -2.86
N ASP A 149 -10.05 -33.47 -4.02
CA ASP A 149 -9.74 -32.75 -5.26
C ASP A 149 -10.40 -31.39 -5.20
N GLN A 150 -11.62 -31.32 -4.70
CA GLN A 150 -12.32 -30.02 -4.60
C GLN A 150 -11.55 -29.03 -3.74
N GLU A 151 -11.08 -29.48 -2.56
CA GLU A 151 -10.28 -28.62 -1.65
C GLU A 151 -8.93 -28.15 -2.25
N THR A 152 -8.32 -29.08 -2.97
CA THR A 152 -7.07 -28.83 -3.63
C THR A 152 -7.17 -27.66 -4.60
N VAL A 153 -8.15 -27.73 -5.49
CA VAL A 153 -8.29 -26.70 -6.49
C VAL A 153 -8.63 -25.39 -5.83
N ALA A 154 -9.49 -25.44 -4.81
CA ALA A 154 -9.90 -24.20 -4.17
C ALA A 154 -8.70 -23.49 -3.54
N LEU A 155 -7.83 -24.25 -2.87
CA LEU A 155 -6.68 -23.69 -2.21
C LEU A 155 -5.68 -23.08 -3.18
N ILE A 156 -5.43 -23.78 -4.29
CA ILE A 156 -4.47 -23.24 -5.24
C ILE A 156 -4.93 -21.95 -5.91
N GLY A 157 -6.24 -21.70 -5.89
CA GLY A 157 -6.79 -20.43 -6.35
C GLY A 157 -6.30 -19.19 -5.60
N ALA A 158 -5.54 -19.38 -4.51
CA ALA A 158 -4.88 -18.25 -3.85
C ALA A 158 -3.86 -17.53 -4.73
N HIS A 159 -3.40 -18.21 -5.79
CA HIS A 159 -2.54 -17.61 -6.77
C HIS A 159 -3.22 -16.44 -7.52
N THR A 160 -4.50 -16.24 -7.29
CA THR A 160 -5.14 -15.01 -7.73
C THR A 160 -4.33 -13.80 -7.20
N CYS A 161 -3.64 -13.93 -6.05
CA CYS A 161 -2.87 -12.78 -5.57
C CYS A 161 -1.36 -13.04 -5.49
N GLY A 162 -0.54 -11.98 -5.53
CA GLY A 162 0.91 -12.14 -5.41
C GLY A 162 1.56 -12.50 -6.73
N GLU A 163 2.84 -12.85 -6.65
CA GLU A 163 3.60 -13.15 -7.83
C GLU A 163 4.82 -14.01 -7.56
N CYS A 164 5.38 -14.58 -8.63
CA CYS A 164 6.63 -15.34 -8.50
C CYS A 164 7.84 -14.41 -8.62
N HIS A 165 8.88 -14.67 -7.83
CA HIS A 165 10.09 -13.84 -7.85
C HIS A 165 11.26 -14.73 -8.20
N ILE A 166 12.04 -14.29 -9.20
CA ILE A 166 13.15 -15.09 -9.69
C ILE A 166 14.09 -15.49 -8.53
N GLU A 167 14.49 -14.49 -7.76
CA GLU A 167 15.31 -14.69 -6.55
C GLU A 167 14.76 -15.74 -5.56
N PHE A 168 13.46 -16.04 -5.57
CA PHE A 168 12.93 -16.96 -4.55
C PHE A 168 12.64 -18.35 -5.05
N SER A 169 11.82 -18.46 -6.09
CA SER A 169 11.45 -19.72 -6.65
C SER A 169 12.11 -19.95 -7.99
N GLY A 170 12.73 -18.93 -8.59
CA GLY A 170 13.21 -19.02 -9.96
C GLY A 170 12.12 -18.86 -11.03
N TYR A 171 10.89 -18.64 -10.62
CA TYR A 171 9.82 -18.35 -11.56
C TYR A 171 9.59 -16.81 -11.56
N HIS A 172 8.75 -16.32 -12.48
CA HIS A 172 8.68 -14.88 -12.67
C HIS A 172 7.33 -14.38 -13.06
N GLY A 173 6.69 -13.57 -12.20
CA GLY A 173 5.51 -12.82 -12.65
C GLY A 173 4.24 -13.12 -11.92
N PRO A 174 3.19 -12.30 -12.11
CA PRO A 174 1.89 -12.50 -11.51
C PRO A 174 1.04 -13.49 -12.33
N TRP A 175 0.05 -14.10 -11.67
CA TRP A 175 -0.93 -14.97 -12.33
C TRP A 175 -2.09 -14.18 -12.93
N THR A 176 -2.40 -13.04 -12.32
CA THR A 176 -3.57 -12.27 -12.68
C THR A 176 -3.16 -10.83 -12.89
N HIS A 177 -4.04 -10.09 -13.56
CA HIS A 177 -3.89 -8.66 -13.75
C HIS A 177 -4.22 -7.84 -12.52
N ASN A 178 -4.66 -8.46 -11.43
CA ASN A 178 -4.70 -7.76 -10.14
C ASN A 178 -4.15 -8.63 -9.04
N LYS A 179 -2.83 -8.68 -8.94
CA LYS A 179 -2.15 -9.43 -7.92
C LYS A 179 -2.44 -8.97 -6.48
N ASN A 180 -3.16 -7.86 -6.29
CA ASN A 180 -3.49 -7.40 -4.95
C ASN A 180 -4.92 -7.60 -4.60
N GLY A 181 -5.69 -8.26 -5.46
CA GLY A 181 -7.11 -8.57 -5.17
C GLY A 181 -7.39 -10.08 -5.07
N PHE A 182 -8.24 -10.50 -4.13
CA PHE A 182 -8.44 -11.93 -3.90
C PHE A 182 -9.82 -12.25 -4.44
N ASP A 183 -9.90 -12.89 -5.59
CA ASP A 183 -11.17 -13.38 -6.08
C ASP A 183 -10.90 -14.65 -6.89
N ASN A 184 -11.86 -15.04 -7.74
CA ASN A 184 -11.70 -16.26 -8.55
C ASN A 184 -10.95 -16.06 -9.88
N SER A 185 -10.21 -14.97 -10.00
CA SER A 185 -9.64 -14.64 -11.29
C SER A 185 -8.46 -15.51 -11.70
N PHE A 186 -7.85 -16.25 -10.76
CA PHE A 186 -6.91 -17.28 -11.15
C PHE A 186 -7.56 -18.36 -12.06
N PHE A 187 -8.78 -18.80 -11.73
CA PHE A 187 -9.43 -19.87 -12.53
C PHE A 187 -9.87 -19.33 -13.89
N THR A 188 -10.33 -18.13 -13.81
CA THR A 188 -10.76 -17.34 -14.96
C THR A 188 -9.65 -17.13 -16.01
N GLN A 189 -8.49 -16.78 -15.49
CA GLN A 189 -7.29 -16.59 -16.27
C GLN A 189 -6.88 -17.90 -16.89
N LEU A 190 -6.81 -18.92 -16.04
CA LEU A 190 -6.43 -20.27 -16.45
C LEU A 190 -7.21 -20.80 -17.65
N LEU A 191 -8.48 -20.48 -17.65
CA LEU A 191 -9.44 -20.99 -18.61
C LEU A 191 -9.60 -20.09 -19.80
N ASP A 192 -9.46 -18.77 -19.64
CA ASP A 192 -9.76 -17.78 -20.70
C ASP A 192 -8.62 -17.40 -21.62
N GLU A 193 -7.40 -17.50 -21.13
CA GLU A 193 -6.22 -17.24 -21.94
C GLU A 193 -5.78 -18.49 -22.71
N ASP A 194 -4.92 -18.24 -23.70
CA ASP A 194 -4.13 -19.25 -24.39
C ASP A 194 -2.76 -19.21 -23.77
N TRP A 195 -2.40 -20.28 -23.09
CA TRP A 195 -1.16 -20.31 -22.38
C TRP A 195 -0.11 -20.86 -23.32
N VAL A 196 0.93 -20.07 -23.57
CA VAL A 196 2.01 -20.38 -24.50
C VAL A 196 3.32 -20.43 -23.73
N LEU A 197 4.29 -21.15 -24.23
CA LEU A 197 5.59 -21.24 -23.56
C LEU A 197 6.26 -19.87 -23.41
N ASN A 198 6.72 -19.52 -22.22
CA ASN A 198 7.61 -18.33 -22.07
C ASN A 198 9.06 -18.78 -22.40
N PRO A 199 9.55 -18.37 -23.58
CA PRO A 199 10.85 -18.84 -23.99
C PRO A 199 12.03 -18.18 -23.27
N LYS A 200 11.80 -17.21 -22.40
CA LYS A 200 12.91 -16.51 -21.77
C LYS A 200 13.03 -16.68 -20.25
N VAL A 201 12.21 -17.52 -19.62
CA VAL A 201 12.47 -17.86 -18.24
C VAL A 201 13.04 -19.26 -18.23
N GLU A 202 14.15 -19.47 -17.54
CA GLU A 202 14.90 -20.73 -17.62
C GLU A 202 14.15 -21.90 -16.97
N GLN A 203 13.42 -21.64 -15.88
CA GLN A 203 12.51 -22.65 -15.33
C GLN A 203 11.17 -22.55 -16.05
N MET A 204 10.74 -23.66 -16.63
CA MET A 204 9.59 -23.71 -17.53
C MET A 204 8.31 -23.13 -16.97
N GLN A 205 7.81 -22.09 -17.62
CA GLN A 205 6.52 -21.53 -17.27
C GLN A 205 5.78 -21.02 -18.53
N LEU A 206 4.48 -20.78 -18.38
CA LEU A 206 3.69 -20.31 -19.53
C LEU A 206 3.36 -18.84 -19.34
N MET A 207 2.95 -18.19 -20.42
CA MET A 207 2.53 -16.81 -20.40
C MET A 207 1.29 -16.67 -21.24
N ASP A 208 0.48 -15.67 -20.96
CA ASP A 208 -0.73 -15.41 -21.76
C ASP A 208 -0.39 -14.82 -23.12
N ARG A 209 -0.98 -15.40 -24.13
CA ARG A 209 -0.73 -15.01 -25.51
C ARG A 209 -1.13 -13.53 -25.66
N ALA A 210 -2.25 -13.14 -25.06
CA ALA A 210 -2.79 -11.81 -25.25
C ALA A 210 -1.81 -10.70 -24.89
N THR A 211 -1.28 -10.71 -23.67
CA THR A 211 -0.41 -9.64 -23.18
C THR A 211 1.01 -10.08 -22.93
N THR A 212 1.20 -11.37 -22.72
CA THR A 212 2.45 -11.96 -22.21
C THR A 212 2.93 -11.47 -20.86
N LYS A 213 2.10 -10.78 -20.09
CA LYS A 213 2.51 -10.29 -18.78
C LYS A 213 2.08 -11.18 -17.64
N LEU A 214 1.24 -12.16 -17.89
CA LEU A 214 0.86 -13.12 -16.85
C LEU A 214 1.58 -14.43 -17.03
N MET A 215 1.53 -15.23 -15.99
CA MET A 215 2.26 -16.49 -15.95
C MET A 215 1.41 -17.60 -15.34
N MET A 216 1.65 -18.84 -15.75
CA MET A 216 1.20 -20.00 -15.00
C MET A 216 2.33 -21.01 -14.89
N LEU A 217 2.35 -21.74 -13.79
CA LEU A 217 3.27 -22.84 -13.57
C LEU A 217 2.74 -24.11 -14.21
N PRO A 218 3.61 -25.07 -14.55
CA PRO A 218 3.13 -26.42 -14.82
C PRO A 218 2.11 -26.96 -13.78
N SER A 219 2.33 -26.73 -12.48
CA SER A 219 1.40 -27.19 -11.48
C SER A 219 0.06 -26.51 -11.57
N ASP A 220 0.05 -25.25 -11.97
CA ASP A 220 -1.23 -24.56 -12.24
C ASP A 220 -2.03 -25.17 -13.44
N VAL A 221 -1.39 -25.36 -14.58
CA VAL A 221 -2.08 -25.74 -15.77
C VAL A 221 -2.45 -27.22 -15.70
N CYS A 222 -1.83 -27.95 -14.79
CA CYS A 222 -2.19 -29.34 -14.63
C CYS A 222 -3.65 -29.46 -14.13
N LEU A 223 -4.17 -28.36 -13.56
CA LEU A 223 -5.53 -28.32 -13.10
C LEU A 223 -6.52 -28.34 -14.29
N LEU A 224 -6.07 -27.87 -15.46
CA LEU A 224 -6.83 -28.02 -16.70
C LEU A 224 -6.75 -29.39 -17.28
N LEU A 225 -5.60 -30.02 -17.14
CA LEU A 225 -5.32 -31.28 -17.86
C LEU A 225 -5.93 -32.47 -17.18
N ASP A 226 -5.94 -32.42 -15.88
CA ASP A 226 -6.62 -33.44 -15.12
C ASP A 226 -8.18 -33.28 -15.14
N PRO A 227 -8.93 -34.33 -15.51
CA PRO A 227 -10.38 -34.21 -15.68
C PRO A 227 -11.14 -33.97 -14.40
N SER A 228 -10.68 -34.52 -13.27
CA SER A 228 -11.26 -34.18 -11.99
C SER A 228 -10.96 -32.75 -11.55
N TYR A 229 -9.71 -32.31 -11.61
CA TYR A 229 -9.36 -30.93 -11.24
C TYR A 229 -10.05 -29.88 -12.15
N ARG A 230 -10.13 -30.15 -13.45
CA ARG A 230 -10.77 -29.21 -14.32
C ARG A 230 -12.25 -28.95 -13.99
N LYS A 231 -12.99 -29.95 -13.45
CA LYS A 231 -14.37 -29.72 -13.05
C LYS A 231 -14.41 -28.55 -12.09
N TYR A 232 -13.50 -28.56 -11.13
CA TYR A 232 -13.49 -27.55 -10.09
C TYR A 232 -12.94 -26.21 -10.55
N VAL A 233 -11.95 -26.18 -11.44
CA VAL A 233 -11.56 -24.92 -12.09
C VAL A 233 -12.74 -24.18 -12.72
N GLU A 234 -13.54 -24.96 -13.44
CA GLU A 234 -14.76 -24.48 -14.10
C GLU A 234 -15.77 -23.99 -13.02
N LEU A 235 -15.96 -24.80 -11.97
CA LEU A 235 -16.89 -24.41 -10.93
C LEU A 235 -16.51 -23.04 -10.36
N TYR A 236 -15.23 -22.83 -10.04
CA TYR A 236 -14.85 -21.57 -9.40
C TYR A 236 -14.78 -20.37 -10.36
N ALA A 237 -14.38 -20.61 -11.60
CA ALA A 237 -14.37 -19.53 -12.59
C ALA A 237 -15.76 -19.01 -12.87
N LYS A 238 -16.78 -19.86 -12.81
CA LYS A 238 -18.15 -19.41 -13.12
C LYS A 238 -18.90 -18.98 -11.86
N ASP A 239 -18.29 -19.07 -10.67
CA ASP A 239 -19.02 -18.76 -9.42
C ASP A 239 -18.13 -18.27 -8.28
N ASN A 240 -17.93 -16.96 -8.31
CA ASN A 240 -17.05 -16.36 -7.36
C ASN A 240 -17.49 -16.57 -5.90
N ASP A 241 -18.78 -16.62 -5.63
CA ASP A 241 -19.25 -16.77 -4.23
C ASP A 241 -18.94 -18.15 -3.70
N ARG A 242 -19.14 -19.15 -4.54
CA ARG A 242 -18.78 -20.51 -4.24
C ARG A 242 -17.27 -20.57 -3.98
N PHE A 243 -16.46 -19.97 -4.83
CA PHE A 243 -15.03 -19.93 -4.55
C PHE A 243 -14.68 -19.31 -3.16
N ASN A 244 -15.25 -18.16 -2.85
CA ASN A 244 -15.03 -17.57 -1.56
C ASN A 244 -15.35 -18.53 -0.41
N LYS A 245 -16.51 -19.12 -0.46
CA LYS A 245 -16.95 -20.07 0.58
C LYS A 245 -15.97 -21.31 0.65
N ASP A 246 -15.67 -21.96 -0.46
CA ASP A 246 -14.86 -23.18 -0.38
C ASP A 246 -13.41 -22.84 0.02
N PHE A 247 -12.92 -21.69 -0.43
CA PHE A 247 -11.57 -21.31 -0.07
C PHE A 247 -11.51 -21.06 1.44
N ALA A 248 -12.52 -20.36 1.93
CA ALA A 248 -12.62 -20.11 3.34
C ALA A 248 -12.57 -21.42 4.15
N ASN A 249 -13.39 -22.37 3.78
CA ASN A 249 -13.42 -23.62 4.56
C ASN A 249 -12.10 -24.41 4.45
N ALA A 250 -11.50 -24.44 3.27
CA ALA A 250 -10.36 -25.27 3.08
C ALA A 250 -9.09 -24.67 3.76
N PHE A 251 -9.00 -23.33 3.79
CA PHE A 251 -7.87 -22.64 4.30
C PHE A 251 -7.97 -22.69 5.80
N LYS A 252 -9.17 -22.52 6.32
CA LYS A 252 -9.34 -22.72 7.73
C LYS A 252 -8.91 -24.14 8.11
N LYS A 253 -9.41 -25.13 7.40
CA LYS A 253 -8.96 -26.48 7.66
C LYS A 253 -7.42 -26.64 7.58
N LEU A 254 -6.81 -26.11 6.54
CA LEU A 254 -5.37 -26.11 6.34
C LEU A 254 -4.63 -25.59 7.57
N THR A 255 -5.09 -24.45 8.07
CA THR A 255 -4.47 -23.82 9.22
C THR A 255 -4.88 -24.37 10.58
N GLU A 256 -5.69 -25.43 10.57
CA GLU A 256 -6.09 -26.14 11.78
C GLU A 256 -5.63 -27.57 11.79
N LEU A 257 -4.93 -27.97 10.75
CA LEU A 257 -4.35 -29.31 10.71
C LEU A 257 -3.38 -29.49 11.88
N GLY A 258 -3.48 -30.64 12.52
CA GLY A 258 -2.60 -31.02 13.63
C GLY A 258 -2.64 -30.11 14.83
N THR A 259 -3.77 -29.43 15.04
CA THR A 259 -4.00 -28.62 16.22
C THR A 259 -5.03 -29.22 17.18
N ARG A 260 -5.04 -28.73 18.42
CA ARG A 260 -6.02 -29.12 19.46
C ARG A 260 -6.34 -27.93 20.36
N ASN A 261 -7.36 -28.08 21.19
CA ASN A 261 -7.86 -27.04 22.11
C ASN A 261 -7.85 -25.61 21.63
N LEU A 262 -8.26 -25.38 20.38
CA LEU A 262 -8.45 -24.00 19.92
C LEU A 262 -9.76 -23.37 20.44
N HIS A 263 -9.80 -22.05 20.54
CA HIS A 263 -11.00 -21.36 20.93
C HIS A 263 -11.46 -20.43 19.79
N LYS A 264 -12.77 -20.36 19.54
CA LYS A 264 -13.31 -19.45 18.52
C LYS A 264 -13.17 -17.99 18.99
N ALA A 265 -12.47 -17.17 18.21
CA ALA A 265 -12.38 -15.74 18.49
C ALA A 265 -13.75 -15.06 18.36
N PRO A 266 -13.93 -13.89 18.98
CA PRO A 266 -15.11 -13.08 18.65
C PRO A 266 -14.84 -12.16 17.45
N ALA A 267 -15.78 -11.30 17.07
CA ALA A 267 -15.49 -10.20 16.13
C ALA A 267 -16.48 -9.04 16.31
N SER B 1 -16.44 35.20 9.76
CA SER B 1 -17.93 35.02 9.73
C SER B 1 -18.44 33.65 10.28
N GLU B 2 -18.93 32.76 9.40
CA GLU B 2 -19.98 31.76 9.78
C GLU B 2 -19.50 30.56 10.65
N GLU B 3 -20.05 30.51 11.87
CA GLU B 3 -19.42 29.84 13.04
C GLU B 3 -19.34 28.33 12.96
N PRO B 4 -18.13 27.74 13.10
CA PRO B 4 -18.03 26.28 13.02
C PRO B 4 -18.37 25.61 14.35
N PRO B 5 -18.66 24.30 14.28
CA PRO B 5 -19.09 23.48 15.42
C PRO B 5 -17.96 22.90 16.27
N PHE B 6 -16.72 23.15 15.88
CA PHE B 6 -15.55 22.68 16.63
C PHE B 6 -14.76 23.91 17.04
N ASP B 7 -13.93 23.75 18.08
CA ASP B 7 -13.17 24.86 18.64
C ASP B 7 -11.88 25.14 17.83
N ILE B 8 -12.09 25.83 16.72
CA ILE B 8 -11.03 26.15 15.79
C ILE B 8 -9.83 26.83 16.46
N ARG B 9 -10.08 27.73 17.40
CA ARG B 9 -9.00 28.38 18.15
C ARG B 9 -8.08 27.36 18.85
N ALA B 10 -8.67 26.43 19.59
CA ALA B 10 -7.87 25.50 20.38
C ALA B 10 -7.18 24.55 19.43
N LEU B 11 -7.90 24.20 18.37
CA LEU B 11 -7.40 23.25 17.42
C LEU B 11 -6.18 23.76 16.69
N ARG B 12 -6.24 25.02 16.25
CA ARG B 12 -5.09 25.62 15.58
C ARG B 12 -3.93 25.50 16.54
N ALA B 13 -4.20 25.76 17.81
CA ALA B 13 -3.16 25.77 18.83
C ALA B 13 -2.51 24.40 19.00
N ASP B 14 -3.37 23.39 19.01
CA ASP B 14 -2.93 22.00 19.15
C ASP B 14 -2.12 21.52 17.96
N ILE B 15 -2.51 21.98 16.78
CA ILE B 15 -1.81 21.59 15.57
C ILE B 15 -0.40 22.18 15.62
N GLU B 16 -0.29 23.46 16.01
CA GLU B 16 1.02 24.12 16.15
C GLU B 16 1.92 23.38 17.12
N ASP B 17 1.35 22.96 18.23
CA ASP B 17 2.17 22.31 19.24
C ASP B 17 2.67 20.98 18.73
N MET B 18 1.83 20.33 17.96
CA MET B 18 2.20 19.05 17.42
C MET B 18 3.37 19.19 16.45
N ILE B 19 3.38 20.26 15.68
CA ILE B 19 4.44 20.42 14.68
C ILE B 19 5.74 20.68 15.42
N SER B 20 5.71 21.60 16.38
CA SER B 20 6.94 21.95 17.11
C SER B 20 7.60 20.73 17.78
N GLU B 21 6.81 19.76 18.22
CA GLU B 21 7.35 18.53 18.80
C GLU B 21 8.05 17.70 17.75
N LYS B 22 7.65 17.85 16.49
CA LYS B 22 8.21 17.04 15.42
C LYS B 22 8.16 17.80 14.11
N LEU B 23 9.20 18.55 13.79
CA LEU B 23 9.15 19.51 12.71
C LEU B 23 8.85 18.89 11.37
N GLU B 24 9.42 17.71 11.12
CA GLU B 24 9.21 16.98 9.85
C GLU B 24 7.73 16.63 9.55
N LEU B 25 6.86 16.75 10.54
CA LEU B 25 5.44 16.57 10.31
C LEU B 25 4.85 17.69 9.43
N GLY B 26 5.41 18.89 9.58
CA GLY B 26 4.96 20.06 8.82
C GLY B 26 4.84 19.90 7.30
N PRO B 27 5.93 19.50 6.66
CA PRO B 27 5.81 19.28 5.22
C PRO B 27 4.86 18.18 4.84
N SER B 28 4.77 17.13 5.67
CA SER B 28 3.95 15.99 5.31
C SER B 28 2.47 16.30 5.42
N LEU B 29 2.09 17.21 6.33
CA LEU B 29 0.73 17.69 6.40
C LEU B 29 0.38 18.38 5.13
N ILE B 30 1.32 19.19 4.61
CA ILE B 30 1.05 19.89 3.35
C ILE B 30 0.79 18.89 2.20
N ARG B 31 1.70 17.93 2.10
CA ARG B 31 1.65 16.93 1.08
C ARG B 31 0.33 16.14 1.24
N LEU B 32 -0.06 15.86 2.47
CA LEU B 32 -1.28 15.09 2.68
C LEU B 32 -2.50 15.80 2.07
N ALA B 33 -2.63 17.08 2.38
CA ALA B 33 -3.79 17.84 1.91
C ALA B 33 -3.74 17.97 0.38
N TRP B 34 -2.55 18.17 -0.15
CA TRP B 34 -2.39 18.32 -1.57
C TRP B 34 -2.78 17.03 -2.27
N HIS B 35 -2.41 15.89 -1.72
CA HIS B 35 -2.75 14.65 -2.40
C HIS B 35 -4.25 14.31 -2.28
N GLU B 36 -4.91 14.72 -1.20
CA GLU B 36 -6.36 14.55 -1.10
C GLU B 36 -7.10 15.40 -2.15
N ALA B 37 -6.48 16.49 -2.57
CA ALA B 37 -7.08 17.37 -3.58
C ALA B 37 -6.77 16.93 -5.00
N ALA B 38 -5.62 16.29 -5.18
CA ALA B 38 -5.09 15.96 -6.51
C ALA B 38 -5.86 14.91 -7.31
N SER B 39 -6.86 14.24 -6.72
CA SER B 39 -7.67 13.27 -7.48
C SER B 39 -8.71 13.91 -8.47
N TYR B 40 -8.86 15.23 -8.42
CA TYR B 40 -9.91 15.91 -9.16
C TYR B 40 -9.66 15.92 -10.67
N ASP B 41 -10.72 15.72 -11.44
CA ASP B 41 -10.70 15.97 -12.88
C ASP B 41 -11.79 17.00 -13.08
N CYS B 42 -11.41 18.24 -13.38
CA CYS B 42 -12.38 19.30 -13.56
C CYS B 42 -13.20 19.16 -14.88
N PHE B 43 -12.82 18.26 -15.77
CA PHE B 43 -13.60 18.04 -17.00
C PHE B 43 -14.64 16.92 -16.83
N LYS B 44 -14.26 15.82 -16.18
CA LYS B 44 -15.23 14.78 -15.79
C LYS B 44 -15.93 15.10 -14.47
N LYS B 45 -15.44 16.08 -13.71
CA LYS B 45 -15.97 16.39 -12.37
C LYS B 45 -16.08 15.19 -11.40
N ASP B 46 -15.15 14.24 -11.50
CA ASP B 46 -15.14 13.11 -10.59
C ASP B 46 -13.83 13.15 -9.82
N GLY B 47 -13.65 12.21 -8.92
CA GLY B 47 -12.42 12.15 -8.14
C GLY B 47 -12.58 12.36 -6.66
N SER B 48 -13.68 12.96 -6.22
CA SER B 48 -13.94 13.15 -4.78
C SER B 48 -12.80 13.86 -3.99
N PRO B 49 -12.26 14.94 -4.56
CA PRO B 49 -11.21 15.69 -3.89
C PRO B 49 -11.68 16.25 -2.57
N ASN B 50 -10.75 16.56 -1.68
CA ASN B 50 -11.08 17.29 -0.45
C ASN B 50 -12.22 16.70 0.38
N SER B 51 -12.34 15.37 0.33
CA SER B 51 -13.32 14.60 1.11
C SER B 51 -12.66 13.57 2.05
N ALA B 52 -11.34 13.68 2.24
CA ALA B 52 -10.57 12.67 3.01
C ALA B 52 -10.79 11.18 2.57
N SER B 53 -11.05 10.97 1.27
CA SER B 53 -11.19 9.62 0.73
C SER B 53 -9.90 8.79 0.87
N MET B 54 -8.76 9.48 1.04
CA MET B 54 -7.48 8.79 1.23
C MET B 54 -7.43 7.91 2.48
N ARG B 55 -8.33 8.11 3.45
CA ARG B 55 -8.48 7.21 4.59
C ARG B 55 -8.72 5.77 4.18
N PHE B 56 -9.33 5.56 3.01
CA PHE B 56 -9.85 4.26 2.59
C PHE B 56 -9.07 3.64 1.45
N LYS B 57 -9.14 2.32 1.35
CA LYS B 57 -8.74 1.64 0.12
C LYS B 57 -9.79 1.89 -0.95
N PRO B 58 -9.40 1.97 -2.23
CA PRO B 58 -8.07 1.76 -2.84
C PRO B 58 -7.06 2.91 -2.73
N GLU B 59 -7.54 4.13 -2.50
CA GLU B 59 -6.74 5.34 -2.67
C GLU B 59 -5.58 5.43 -1.67
N CYS B 60 -5.76 4.91 -0.46
CA CYS B 60 -4.66 4.93 0.49
C CYS B 60 -3.50 4.07 0.00
N LEU B 61 -3.74 3.20 -0.97
CA LEU B 61 -2.74 2.29 -1.51
C LEU B 61 -2.10 2.73 -2.83
N TYR B 62 -2.51 3.85 -3.43
CA TYR B 62 -1.85 4.26 -4.65
C TYR B 62 -0.41 4.61 -4.32
N ALA B 63 0.54 4.15 -5.14
CA ALA B 63 2.00 4.33 -4.89
C ALA B 63 2.32 5.77 -4.55
N GLY B 64 1.66 6.72 -5.23
CA GLY B 64 1.92 8.14 -4.95
C GLY B 64 1.58 8.66 -3.54
N ASN B 65 0.82 7.88 -2.77
CA ASN B 65 0.35 8.34 -1.44
C ASN B 65 1.15 7.62 -0.39
N LYS B 66 2.20 6.98 -0.85
CA LYS B 66 3.00 6.25 0.06
C LYS B 66 3.67 7.18 1.08
N GLY B 67 3.57 6.75 2.32
CA GLY B 67 4.08 7.46 3.46
C GLY B 67 3.11 8.42 4.12
N LEU B 68 1.92 8.62 3.54
CA LEU B 68 0.99 9.63 4.04
C LEU B 68 0.14 9.11 5.20
N ASP B 69 0.24 7.81 5.47
CA ASP B 69 -0.24 7.25 6.75
C ASP B 69 0.30 8.02 7.96
N ILE B 70 1.51 8.57 7.88
CA ILE B 70 2.09 9.26 9.06
C ILE B 70 1.38 10.56 9.42
N PRO B 71 1.29 11.50 8.48
CA PRO B 71 0.43 12.64 8.86
C PRO B 71 -1.02 12.30 9.22
N ARG B 72 -1.61 11.30 8.57
CA ARG B 72 -2.96 10.90 8.87
C ARG B 72 -3.09 10.39 10.31
N LYS B 73 -2.10 9.65 10.77
CA LYS B 73 -2.22 9.10 12.13
C LYS B 73 -2.00 10.17 13.16
N ALA B 74 -1.08 11.08 12.92
CA ALA B 74 -0.85 12.14 13.86
C ALA B 74 -2.12 12.95 14.04
N LEU B 75 -2.87 13.14 12.96
CA LEU B 75 -4.11 13.90 13.04
C LEU B 75 -5.27 13.14 13.69
N GLU B 76 -5.21 11.81 13.75
CA GLU B 76 -6.27 11.03 14.44
C GLU B 76 -6.48 11.44 15.89
N THR B 77 -5.37 11.71 16.58
CA THR B 77 -5.39 12.14 17.98
C THR B 77 -6.24 13.39 18.14
N LEU B 78 -6.05 14.34 17.22
CA LEU B 78 -6.81 15.59 17.22
C LEU B 78 -8.29 15.40 16.81
N LYS B 79 -8.57 14.46 15.90
CA LYS B 79 -9.97 14.12 15.54
C LYS B 79 -10.74 13.65 16.78
N LYS B 80 -10.11 12.80 17.60
CA LYS B 80 -10.73 12.29 18.81
C LYS B 80 -11.04 13.44 19.75
N LYS B 81 -10.09 14.35 19.89
CA LYS B 81 -10.28 15.48 20.80
C LYS B 81 -11.31 16.50 20.25
N TYR B 82 -11.35 16.68 18.93
CA TYR B 82 -12.31 17.60 18.31
C TYR B 82 -13.23 16.88 17.32
N PRO B 83 -14.11 16.00 17.83
CA PRO B 83 -14.88 15.10 16.95
C PRO B 83 -15.81 15.82 15.94
N GLN B 84 -16.24 17.04 16.23
CA GLN B 84 -17.18 17.75 15.32
C GLN B 84 -16.54 18.23 14.01
N ILE B 85 -15.24 18.07 13.83
CA ILE B 85 -14.59 18.45 12.57
C ILE B 85 -14.50 17.23 11.66
N SER B 86 -14.80 17.39 10.38
CA SER B 86 -14.60 16.32 9.41
C SER B 86 -13.08 16.17 9.21
N TYR B 87 -12.62 14.93 9.00
CA TYR B 87 -11.22 14.71 8.59
C TYR B 87 -10.82 15.63 7.45
N ALA B 88 -11.74 15.81 6.50
CA ALA B 88 -11.46 16.60 5.31
C ALA B 88 -11.10 18.05 5.68
N ASP B 89 -11.95 18.66 6.49
CA ASP B 89 -11.66 20.00 7.04
C ASP B 89 -10.36 19.99 7.83
N LEU B 90 -10.15 18.95 8.62
CA LEU B 90 -8.98 18.86 9.50
C LEU B 90 -7.65 18.81 8.73
N TRP B 91 -7.58 17.99 7.69
CA TRP B 91 -6.32 17.89 6.95
C TRP B 91 -6.02 19.25 6.29
N VAL B 92 -7.04 19.95 5.85
CA VAL B 92 -6.81 21.21 5.14
C VAL B 92 -6.33 22.26 6.15
N LEU B 93 -7.00 22.30 7.30
CA LEU B 93 -6.63 23.19 8.39
C LEU B 93 -5.21 22.95 8.83
N ALA B 94 -4.86 21.69 8.98
CA ALA B 94 -3.55 21.35 9.48
C ALA B 94 -2.49 21.81 8.47
N ALA B 95 -2.74 21.58 7.20
CA ALA B 95 -1.85 22.06 6.20
C ALA B 95 -1.71 23.59 6.29
N TYR B 96 -2.81 24.35 6.40
CA TYR B 96 -2.68 25.81 6.49
C TYR B 96 -1.88 26.24 7.72
N VAL B 97 -2.03 25.53 8.83
CA VAL B 97 -1.23 25.83 10.02
C VAL B 97 0.25 25.55 9.79
N ALA B 98 0.55 24.44 9.13
CA ALA B 98 1.96 24.13 8.81
C ALA B 98 2.61 25.23 7.95
N ILE B 99 1.90 25.57 6.87
CA ILE B 99 2.36 26.57 5.94
C ILE B 99 2.74 27.83 6.72
N GLU B 100 1.88 28.21 7.65
CA GLU B 100 2.09 29.40 8.43
C GLU B 100 3.17 29.24 9.51
N TYR B 101 3.12 28.15 10.25
CA TYR B 101 4.12 27.90 11.29
C TYR B 101 5.53 27.99 10.70
N MET B 102 5.69 27.52 9.47
CA MET B 102 7.01 27.49 8.87
C MET B 102 7.40 28.78 8.16
N GLY B 103 6.67 29.88 8.42
CA GLY B 103 6.98 31.19 7.82
C GLY B 103 6.29 31.55 6.51
N GLY B 104 5.41 30.70 5.99
CA GLY B 104 4.64 31.03 4.77
C GLY B 104 3.41 31.88 5.10
N PRO B 105 2.52 32.14 4.11
CA PRO B 105 1.37 32.98 4.38
C PRO B 105 0.34 32.29 5.21
N THR B 106 -0.57 33.10 5.73
CA THR B 106 -1.75 32.76 6.50
C THR B 106 -2.87 32.69 5.48
N ILE B 107 -3.36 31.50 5.21
CA ILE B 107 -4.34 31.32 4.16
C ILE B 107 -5.70 31.34 4.80
N PRO B 108 -6.63 32.15 4.25
CA PRO B 108 -7.98 32.19 4.87
C PRO B 108 -8.73 30.85 4.71
N PHE B 109 -9.12 30.29 5.84
CA PHE B 109 -9.81 29.01 5.92
C PHE B 109 -11.34 29.08 5.72
N CYS B 110 -11.88 28.08 5.03
CA CYS B 110 -13.29 27.92 4.81
C CYS B 110 -13.63 26.49 5.20
N TRP B 111 -14.72 26.30 5.94
CA TRP B 111 -15.08 24.96 6.43
C TRP B 111 -16.39 24.47 5.80
N GLY B 112 -16.64 23.17 5.99
CA GLY B 112 -17.84 22.50 5.53
C GLY B 112 -17.63 21.30 4.63
N ARG B 113 -16.37 20.88 4.44
CA ARG B 113 -16.13 19.62 3.73
C ARG B 113 -16.78 18.43 4.49
N VAL B 114 -17.47 17.60 3.74
CA VAL B 114 -18.09 16.39 4.27
C VAL B 114 -17.17 15.26 3.96
N ASP B 115 -17.01 14.33 4.89
CA ASP B 115 -16.15 13.16 4.67
C ASP B 115 -16.82 12.10 3.76
N ALA B 116 -16.07 11.52 2.83
CA ALA B 116 -16.44 10.28 2.17
C ALA B 116 -16.69 9.25 3.26
N LYS B 117 -17.69 8.39 3.06
CA LYS B 117 -17.99 7.34 4.05
C LYS B 117 -17.28 6.04 3.77
N ASP B 118 -16.83 5.84 2.54
CA ASP B 118 -16.07 4.63 2.21
C ASP B 118 -15.33 4.79 0.88
N GLY B 119 -14.63 3.75 0.47
CA GLY B 119 -13.73 3.87 -0.66
C GLY B 119 -14.40 3.83 -2.02
N SER B 120 -15.71 3.59 -2.07
CA SER B 120 -16.40 3.52 -3.33
C SER B 120 -16.46 4.86 -4.05
N VAL B 121 -16.21 5.97 -3.35
CA VAL B 121 -16.16 7.28 -4.00
C VAL B 121 -14.72 7.71 -4.30
N CYS B 122 -13.72 6.88 -3.96
CA CYS B 122 -12.35 7.21 -4.33
C CYS B 122 -12.25 7.34 -5.84
N GLY B 123 -11.43 8.28 -6.29
CA GLY B 123 -11.06 8.33 -7.71
C GLY B 123 -10.11 7.21 -8.11
N PRO B 124 -9.85 7.10 -9.43
CA PRO B 124 -8.93 6.11 -9.92
C PRO B 124 -7.52 6.50 -9.62
N ASP B 125 -6.62 5.56 -9.85
CA ASP B 125 -5.19 5.81 -9.74
C ASP B 125 -4.72 6.50 -11.03
N GLY B 126 -3.48 6.96 -11.00
CA GLY B 126 -2.91 7.67 -12.11
C GLY B 126 -3.29 9.12 -12.17
N ARG B 127 -3.89 9.68 -11.13
CA ARG B 127 -4.21 11.09 -11.09
C ARG B 127 -3.10 11.94 -10.44
N LEU B 128 -2.22 11.34 -9.62
CA LEU B 128 -1.09 12.09 -9.03
C LEU B 128 0.04 12.26 -10.01
N PRO B 129 0.74 13.37 -9.94
CA PRO B 129 1.81 13.53 -10.90
C PRO B 129 2.99 12.64 -10.60
N ASP B 130 3.78 12.41 -11.64
CA ASP B 130 4.88 11.47 -11.63
C ASP B 130 6.16 12.34 -11.73
N GLY B 131 6.95 12.32 -10.68
CA GLY B 131 8.22 13.10 -10.64
C GLY B 131 9.26 12.85 -11.72
N SER B 132 9.19 11.68 -12.31
CA SER B 132 10.12 11.33 -13.37
C SER B 132 9.75 11.99 -14.70
N LYS B 133 8.58 12.61 -14.83
CA LYS B 133 8.24 13.20 -16.13
C LYS B 133 8.40 14.72 -16.14
N THR B 134 8.13 15.35 -17.29
CA THR B 134 8.40 16.77 -17.40
C THR B 134 7.16 17.61 -17.82
N GLN B 135 7.38 18.72 -18.53
CA GLN B 135 6.37 19.78 -18.59
C GLN B 135 5.08 19.35 -19.30
N SER B 136 5.17 18.53 -20.34
CA SER B 136 3.93 17.98 -20.97
C SER B 136 3.02 17.33 -19.96
N HIS B 137 3.66 16.55 -19.08
CA HIS B 137 2.90 15.74 -18.17
C HIS B 137 2.36 16.62 -17.07
N VAL B 138 3.22 17.48 -16.53
CA VAL B 138 2.81 18.38 -15.49
C VAL B 138 1.68 19.25 -15.98
N ARG B 139 1.84 19.82 -17.18
CA ARG B 139 0.80 20.71 -17.68
C ARG B 139 -0.50 19.93 -17.82
N GLU B 140 -0.43 18.71 -18.35
CA GLU B 140 -1.63 17.86 -18.43
C GLU B 140 -2.26 17.60 -17.06
N VAL B 141 -1.46 17.26 -16.06
CA VAL B 141 -2.04 17.05 -14.75
C VAL B 141 -2.72 18.33 -14.24
N PHE B 142 -2.04 19.46 -14.31
CA PHE B 142 -2.58 20.69 -13.67
C PHE B 142 -3.76 21.27 -14.41
N ARG B 143 -3.80 21.10 -15.73
CA ARG B 143 -4.95 21.52 -16.53
C ARG B 143 -6.15 20.67 -16.20
N ARG B 144 -5.92 19.39 -15.93
CA ARG B 144 -6.99 18.50 -15.52
C ARG B 144 -7.55 18.95 -14.15
N LEU B 145 -6.68 19.51 -13.31
CA LEU B 145 -7.11 19.97 -11.99
C LEU B 145 -7.86 21.28 -12.07
N GLY B 146 -7.67 22.04 -13.15
CA GLY B 146 -8.30 23.34 -13.33
C GLY B 146 -7.36 24.53 -13.23
N PHE B 147 -6.05 24.32 -13.16
CA PHE B 147 -5.12 25.42 -12.89
C PHE B 147 -4.42 25.95 -14.12
N ASN B 148 -3.98 27.20 -14.05
CA ASN B 148 -3.16 27.72 -15.12
C ASN B 148 -1.67 27.62 -14.78
N ASP B 149 -0.83 28.02 -15.75
CA ASP B 149 0.60 27.92 -15.61
C ASP B 149 1.12 28.68 -14.40
N GLN B 150 0.66 29.91 -14.26
CA GLN B 150 1.04 30.71 -13.07
C GLN B 150 0.80 29.93 -11.75
N GLU B 151 -0.37 29.36 -11.60
CA GLU B 151 -0.75 28.65 -10.37
C GLU B 151 0.03 27.35 -10.18
N THR B 152 0.25 26.66 -11.28
CA THR B 152 0.98 25.40 -11.28
C THR B 152 2.34 25.64 -10.66
N VAL B 153 3.02 26.71 -11.10
CA VAL B 153 4.39 26.96 -10.69
C VAL B 153 4.42 27.35 -9.22
N ALA B 154 3.42 28.10 -8.76
CA ALA B 154 3.40 28.57 -7.39
C ALA B 154 3.23 27.38 -6.45
N LEU B 155 2.35 26.47 -6.84
CA LEU B 155 2.05 25.33 -5.99
C LEU B 155 3.28 24.46 -5.81
N ILE B 156 4.04 24.25 -6.90
CA ILE B 156 5.21 23.37 -6.85
C ILE B 156 6.28 23.99 -5.96
N GLY B 157 6.21 25.31 -5.75
CA GLY B 157 7.07 26.00 -4.80
C GLY B 157 7.01 25.42 -3.40
N ALA B 158 5.99 24.58 -3.14
CA ALA B 158 5.86 23.99 -1.78
C ALA B 158 7.09 23.09 -1.48
N HIS B 159 7.83 22.70 -2.52
CA HIS B 159 9.06 21.91 -2.31
C HIS B 159 10.18 22.72 -1.63
N THR B 160 9.94 24.01 -1.40
CA THR B 160 10.84 24.72 -0.56
C THR B 160 10.99 23.99 0.80
N CYS B 161 10.02 23.18 1.21
CA CYS B 161 10.08 22.51 2.51
C CYS B 161 9.92 20.99 2.38
N GLY B 162 10.44 20.27 3.35
CA GLY B 162 10.44 18.81 3.34
C GLY B 162 11.55 18.23 2.44
N GLU B 163 11.40 16.96 2.15
CA GLU B 163 12.40 16.16 1.45
C GLU B 163 11.75 14.88 0.92
N CYS B 164 12.46 14.22 -0.01
CA CYS B 164 12.07 12.92 -0.54
C CYS B 164 12.67 11.81 0.32
N HIS B 165 11.94 10.70 0.48
CA HIS B 165 12.44 9.53 1.27
C HIS B 165 12.48 8.33 0.35
N ILE B 166 13.63 7.67 0.26
CA ILE B 166 13.76 6.51 -0.63
C ILE B 166 12.58 5.54 -0.43
N GLU B 167 12.28 5.23 0.83
CA GLU B 167 11.24 4.26 1.15
C GLU B 167 9.84 4.68 0.69
N PHE B 168 9.59 5.96 0.46
CA PHE B 168 8.28 6.39 -0.01
C PHE B 168 8.21 6.64 -1.53
N SER B 169 9.20 7.33 -2.11
CA SER B 169 9.14 7.72 -3.53
C SER B 169 10.27 7.12 -4.35
N GLY B 170 11.22 6.46 -3.71
CA GLY B 170 12.48 6.12 -4.42
C GLY B 170 13.45 7.26 -4.72
N TYR B 171 13.07 8.49 -4.37
CA TYR B 171 13.91 9.64 -4.48
C TYR B 171 14.42 10.02 -3.09
N HIS B 172 15.43 10.90 -3.03
CA HIS B 172 16.21 11.13 -1.80
C HIS B 172 16.72 12.56 -1.59
N GLY B 173 16.27 13.22 -0.53
CA GLY B 173 16.87 14.45 -0.06
C GLY B 173 15.97 15.68 -0.06
N PRO B 174 16.41 16.76 0.57
CA PRO B 174 15.66 18.02 0.55
C PRO B 174 15.98 18.82 -0.71
N TRP B 175 15.09 19.74 -1.05
CA TRP B 175 15.26 20.67 -2.18
C TRP B 175 16.06 21.95 -1.79
N THR B 176 16.06 22.31 -0.51
CA THR B 176 16.68 23.56 -0.05
C THR B 176 17.49 23.29 1.20
N HIS B 177 18.26 24.27 1.66
CA HIS B 177 19.04 24.14 2.88
C HIS B 177 18.25 24.39 4.16
N ASN B 178 17.02 24.93 4.08
CA ASN B 178 16.14 24.83 5.25
C ASN B 178 14.82 24.10 4.97
N LYS B 179 14.86 22.79 5.17
CA LYS B 179 13.69 21.98 4.86
C LYS B 179 12.45 22.27 5.73
N ASN B 180 12.62 22.84 6.90
CA ASN B 180 11.46 23.18 7.73
C ASN B 180 11.11 24.66 7.76
N GLY B 181 11.50 25.41 6.74
CA GLY B 181 11.15 26.82 6.61
C GLY B 181 10.43 27.01 5.29
N PHE B 182 9.46 27.92 5.22
CA PHE B 182 8.72 28.05 3.99
C PHE B 182 9.02 29.39 3.39
N ASP B 183 9.71 29.41 2.25
CA ASP B 183 10.00 30.63 1.51
C ASP B 183 10.27 30.28 0.05
N ASN B 184 10.67 31.29 -0.74
CA ASN B 184 10.94 31.15 -2.19
C ASN B 184 12.25 30.48 -2.57
N SER B 185 12.93 29.84 -1.62
CA SER B 185 14.24 29.32 -1.92
C SER B 185 14.22 28.14 -2.93
N PHE B 186 13.08 27.47 -3.12
CA PHE B 186 12.95 26.46 -4.17
C PHE B 186 13.29 27.03 -5.56
N PHE B 187 12.77 28.21 -5.84
CA PHE B 187 13.00 28.90 -7.12
C PHE B 187 14.40 29.51 -7.23
N THR B 188 14.83 30.11 -6.14
CA THR B 188 16.22 30.51 -5.97
C THR B 188 17.22 29.41 -6.31
N GLN B 189 17.02 28.25 -5.69
CA GLN B 189 17.93 27.10 -5.86
C GLN B 189 17.91 26.71 -7.32
N LEU B 190 16.70 26.71 -7.85
CA LEU B 190 16.49 26.18 -9.15
C LEU B 190 17.27 27.02 -10.11
N LEU B 191 17.25 28.33 -9.95
CA LEU B 191 18.07 29.26 -10.79
C LEU B 191 19.54 29.34 -10.45
N ASP B 192 19.91 29.26 -9.18
CA ASP B 192 21.30 29.60 -8.81
C ASP B 192 22.26 28.44 -8.88
N GLU B 193 21.78 27.22 -8.63
CA GLU B 193 22.66 26.07 -8.50
C GLU B 193 23.01 25.52 -9.86
N ASP B 194 24.06 24.74 -9.92
CA ASP B 194 24.29 23.91 -11.11
C ASP B 194 23.78 22.50 -10.81
N TRP B 195 22.77 22.09 -11.55
CA TRP B 195 22.11 20.83 -11.26
C TRP B 195 22.79 19.70 -12.04
N VAL B 196 23.55 18.86 -11.33
CA VAL B 196 24.27 17.75 -11.94
C VAL B 196 23.52 16.42 -11.66
N LEU B 197 23.72 15.42 -12.51
CA LEU B 197 23.18 14.10 -12.27
C LEU B 197 23.73 13.54 -10.97
N ASN B 198 22.88 12.96 -10.16
CA ASN B 198 23.33 12.30 -8.96
C ASN B 198 23.51 10.84 -9.31
N PRO B 199 24.76 10.39 -9.43
CA PRO B 199 24.94 9.01 -9.84
C PRO B 199 24.63 8.01 -8.73
N LYS B 200 24.45 8.45 -7.48
CA LYS B 200 24.21 7.49 -6.38
C LYS B 200 22.71 7.14 -6.20
N VAL B 201 21.80 7.64 -7.03
CA VAL B 201 20.39 7.32 -6.83
C VAL B 201 19.85 6.71 -8.09
N GLU B 202 19.24 5.55 -7.94
CA GLU B 202 18.80 4.76 -9.09
C GLU B 202 17.67 5.42 -9.88
N GLN B 203 16.77 6.14 -9.20
CA GLN B 203 15.79 6.98 -9.90
C GLN B 203 16.38 8.33 -10.21
N MET B 204 16.32 8.73 -11.49
CA MET B 204 17.03 9.91 -11.94
C MET B 204 16.62 11.14 -11.18
N GLN B 205 17.55 11.67 -10.39
CA GLN B 205 17.37 13.02 -9.85
C GLN B 205 18.69 13.77 -9.95
N LEU B 206 18.64 15.08 -9.75
CA LEU B 206 19.82 15.91 -9.81
C LEU B 206 20.22 16.38 -8.41
N MET B 207 21.46 16.86 -8.28
CA MET B 207 21.95 17.45 -7.05
C MET B 207 22.69 18.74 -7.40
N ASP B 208 22.88 19.62 -6.42
CA ASP B 208 23.60 20.88 -6.60
C ASP B 208 25.08 20.60 -6.67
N ARG B 209 25.74 21.09 -7.71
CA ARG B 209 27.19 20.90 -7.77
C ARG B 209 27.81 21.48 -6.51
N ALA B 210 27.27 22.60 -6.01
CA ALA B 210 27.92 23.33 -4.92
C ALA B 210 28.15 22.50 -3.67
N THR B 211 27.16 21.73 -3.22
CA THR B 211 27.31 20.91 -2.00
C THR B 211 26.91 19.45 -2.15
N THR B 212 26.17 19.13 -3.20
CA THR B 212 25.52 17.83 -3.40
C THR B 212 24.49 17.46 -2.33
N LYS B 213 24.09 18.39 -1.47
CA LYS B 213 23.18 18.03 -0.40
C LYS B 213 21.75 18.19 -0.84
N LEU B 214 21.52 19.03 -1.82
CA LEU B 214 20.17 19.31 -2.33
C LEU B 214 19.81 18.46 -3.52
N MET B 215 18.51 18.37 -3.80
CA MET B 215 18.00 17.65 -4.93
C MET B 215 16.94 18.37 -5.75
N MET B 216 16.81 17.95 -7.00
CA MET B 216 15.59 18.20 -7.80
C MET B 216 15.18 17.02 -8.61
N LEU B 217 13.88 16.88 -8.79
CA LEU B 217 13.28 15.92 -9.70
C LEU B 217 13.24 16.45 -11.13
N PRO B 218 13.16 15.55 -12.12
CA PRO B 218 12.84 16.03 -13.48
C PRO B 218 11.60 16.98 -13.55
N SER B 219 10.52 16.65 -12.83
CA SER B 219 9.34 17.47 -12.74
C SER B 219 9.57 18.85 -12.14
N ASP B 220 10.56 19.01 -11.27
CA ASP B 220 10.94 20.30 -10.77
C ASP B 220 11.68 21.10 -11.82
N VAL B 221 12.60 20.45 -12.55
CA VAL B 221 13.50 21.21 -13.41
C VAL B 221 12.83 21.52 -14.73
N CYS B 222 11.75 20.82 -15.06
CA CYS B 222 10.98 21.19 -16.24
C CYS B 222 10.36 22.58 -16.13
N LEU B 223 10.25 23.10 -14.94
CA LEU B 223 9.75 24.47 -14.78
C LEU B 223 10.72 25.50 -15.36
N LEU B 224 12.01 25.15 -15.38
CA LEU B 224 13.02 25.94 -16.07
C LEU B 224 13.02 25.74 -17.55
N LEU B 225 12.72 24.52 -18.00
CA LEU B 225 12.80 24.16 -19.41
C LEU B 225 11.63 24.71 -20.19
N ASP B 226 10.51 24.86 -19.53
CA ASP B 226 9.30 25.29 -20.23
C ASP B 226 9.24 26.84 -20.24
N PRO B 227 9.25 27.48 -21.42
CA PRO B 227 9.36 28.93 -21.50
C PRO B 227 8.30 29.66 -20.72
N SER B 228 7.13 29.06 -20.65
CA SER B 228 6.05 29.66 -19.90
C SER B 228 6.19 29.48 -18.37
N TYR B 229 6.60 28.30 -17.92
CA TYR B 229 6.78 28.07 -16.49
C TYR B 229 7.97 28.90 -15.98
N ARG B 230 8.99 28.95 -16.82
CA ARG B 230 10.17 29.71 -16.49
C ARG B 230 9.90 31.16 -16.08
N LYS B 231 8.96 31.85 -16.72
CA LYS B 231 8.67 33.27 -16.36
C LYS B 231 8.33 33.36 -14.86
N TYR B 232 7.60 32.36 -14.37
CA TYR B 232 7.10 32.40 -13.02
C TYR B 232 8.17 31.97 -12.05
N VAL B 233 8.99 30.99 -12.43
CA VAL B 233 10.12 30.66 -11.60
C VAL B 233 10.94 31.92 -11.33
N GLU B 234 11.15 32.73 -12.37
CA GLU B 234 11.92 33.96 -12.23
C GLU B 234 11.21 35.02 -11.41
N LEU B 235 9.93 35.17 -11.67
CA LEU B 235 9.10 36.03 -10.88
C LEU B 235 9.20 35.71 -9.38
N TYR B 236 8.97 34.46 -9.03
CA TYR B 236 8.99 34.09 -7.64
C TYR B 236 10.39 34.05 -7.02
N ALA B 237 11.42 33.79 -7.82
CA ALA B 237 12.79 33.93 -7.30
C ALA B 237 13.10 35.39 -6.94
N LYS B 238 12.51 36.34 -7.66
CA LYS B 238 12.78 37.77 -7.37
C LYS B 238 11.91 38.25 -6.21
N ASP B 239 10.70 37.73 -6.12
CA ASP B 239 9.66 38.37 -5.36
C ASP B 239 9.00 37.37 -4.45
N ASN B 240 9.61 37.19 -3.28
CA ASN B 240 9.10 36.29 -2.26
C ASN B 240 7.72 36.68 -1.79
N ASP B 241 7.46 37.97 -1.68
CA ASP B 241 6.10 38.38 -1.31
C ASP B 241 5.06 38.02 -2.33
N ARG B 242 5.35 38.24 -3.61
CA ARG B 242 4.45 37.82 -4.70
C ARG B 242 4.22 36.30 -4.66
N PHE B 243 5.26 35.53 -4.30
CA PHE B 243 5.13 34.07 -4.18
C PHE B 243 4.19 33.63 -3.07
N ASN B 244 4.33 34.24 -1.91
CA ASN B 244 3.50 33.94 -0.74
C ASN B 244 2.05 34.30 -1.05
N LYS B 245 1.84 35.40 -1.76
CA LYS B 245 0.48 35.75 -2.16
C LYS B 245 -0.09 34.76 -3.19
N ASP B 246 0.68 34.42 -4.22
CA ASP B 246 0.15 33.52 -5.27
C ASP B 246 -0.03 32.10 -4.73
N PHE B 247 0.85 31.71 -3.80
CA PHE B 247 0.79 30.40 -3.21
C PHE B 247 -0.48 30.26 -2.41
N ALA B 248 -0.70 31.19 -1.50
CA ALA B 248 -1.94 31.21 -0.70
C ALA B 248 -3.18 31.06 -1.55
N ASN B 249 -3.25 31.84 -2.64
CA ASN B 249 -4.43 31.81 -3.50
C ASN B 249 -4.56 30.49 -4.22
N ALA B 250 -3.42 29.97 -4.67
CA ALA B 250 -3.45 28.75 -5.42
C ALA B 250 -3.71 27.57 -4.49
N PHE B 251 -3.08 27.57 -3.31
CA PHE B 251 -3.28 26.49 -2.37
C PHE B 251 -4.70 26.50 -1.82
N LYS B 252 -5.27 27.69 -1.60
CA LYS B 252 -6.72 27.77 -1.25
C LYS B 252 -7.62 27.14 -2.33
N LYS B 253 -7.39 27.51 -3.57
CA LYS B 253 -8.13 26.98 -4.70
C LYS B 253 -8.04 25.44 -4.74
N LEU B 254 -6.83 24.93 -4.51
CA LEU B 254 -6.60 23.49 -4.52
C LEU B 254 -7.50 22.75 -3.53
N THR B 255 -7.48 23.23 -2.30
CA THR B 255 -8.12 22.56 -1.19
C THR B 255 -9.59 22.93 -1.10
N GLU B 256 -10.10 23.64 -2.11
CA GLU B 256 -11.55 23.85 -2.27
C GLU B 256 -12.09 23.29 -3.63
N LEU B 257 -11.25 22.59 -4.39
CA LEU B 257 -11.68 21.89 -5.56
C LEU B 257 -12.72 20.86 -5.19
N GLY B 258 -13.75 20.83 -6.02
CA GLY B 258 -14.83 19.89 -5.91
C GLY B 258 -15.71 20.14 -4.72
N THR B 259 -15.59 21.26 -4.04
CA THR B 259 -16.45 21.49 -2.90
C THR B 259 -17.54 22.49 -3.28
N ARG B 260 -18.45 22.70 -2.33
CA ARG B 260 -19.65 23.47 -2.60
C ARG B 260 -20.10 24.09 -1.33
N ASN B 261 -20.25 25.42 -1.35
CA ASN B 261 -20.82 26.16 -0.24
C ASN B 261 -20.13 25.87 1.08
N LEU B 262 -18.82 25.94 1.01
CA LEU B 262 -17.99 25.99 2.18
C LEU B 262 -18.33 27.31 2.81
N HIS B 263 -18.05 27.47 4.09
CA HIS B 263 -18.41 28.72 4.77
C HIS B 263 -17.14 29.36 5.29
N LYS B 264 -16.99 30.67 5.12
CA LYS B 264 -15.79 31.35 5.67
C LYS B 264 -15.76 31.11 7.17
N ALA B 265 -14.58 30.76 7.69
CA ALA B 265 -14.37 30.58 9.13
C ALA B 265 -14.05 31.93 9.74
N PRO B 266 -14.38 32.12 11.05
CA PRO B 266 -13.99 33.35 11.77
C PRO B 266 -12.50 33.35 12.10
N ALA B 267 -11.87 34.53 12.03
CA ALA B 267 -10.41 34.66 12.23
C ALA B 267 -9.99 34.31 13.65
CHA HEM C . 3.53 -18.14 -4.53
CHB HEM C . 4.02 -22.75 -6.07
CHC HEM C . 0.00 -23.85 -3.65
CHD HEM C . -0.39 -19.39 -2.20
C1A HEM C . 4.04 -19.32 -5.07
C2A HEM C . 5.26 -19.41 -5.76
C3A HEM C . 5.37 -20.67 -6.23
C4A HEM C . 4.23 -21.39 -5.81
CMA HEM C . 6.53 -21.20 -7.05
CAA HEM C . 6.25 -18.29 -6.02
CBA HEM C . 7.17 -18.05 -4.81
CGA HEM C . 8.10 -16.86 -5.03
O1A HEM C . 8.91 -16.85 -5.99
O2A HEM C . 8.09 -15.83 -4.30
C1B HEM C . 2.91 -23.44 -5.54
C2B HEM C . 2.64 -24.81 -5.79
C3B HEM C . 1.54 -25.13 -5.08
C4B HEM C . 1.10 -23.88 -4.47
CMB HEM C . 3.52 -25.71 -6.60
CAB HEM C . 0.68 -26.30 -5.03
CBB HEM C . 0.51 -27.07 -6.12
C1C HEM C . -0.42 -22.78 -2.93
C2C HEM C . -1.44 -22.77 -1.96
C3C HEM C . -1.51 -21.50 -1.50
C4C HEM C . -0.60 -20.74 -2.28
CMC HEM C . -2.24 -23.93 -1.49
CAC HEM C . -2.42 -20.89 -0.51
CBC HEM C . -3.46 -21.46 0.05
C1D HEM C . 0.64 -18.69 -2.80
C2D HEM C . 0.77 -17.23 -2.61
C3D HEM C . 1.89 -16.88 -3.26
C4D HEM C . 2.40 -18.13 -3.81
CMD HEM C . -0.16 -16.28 -1.84
CAD HEM C . 2.44 -15.45 -3.38
CBD HEM C . 3.69 -15.10 -2.55
CGD HEM C . 4.14 -13.67 -2.81
O1D HEM C . 3.58 -12.91 -3.64
O2D HEM C . 5.12 -13.22 -2.20
NA HEM C . 3.41 -20.54 -5.13
NB HEM C . 1.95 -22.96 -4.77
NC HEM C . 0.07 -21.54 -3.11
ND HEM C . 1.62 -19.21 -3.53
FE HEM C . 1.76 -21.01 -4.13
K K D . -6.11 -11.33 -8.17
CA CA E . 5.62 -26.77 10.19
CHA HEM F . 7.22 15.67 -1.63
CHB HEM F . 6.49 14.97 -6.33
CHC HEM F . 3.69 18.85 -6.45
CHD HEM F . 4.25 19.38 -1.70
C1A HEM F . 7.23 15.12 -2.86
C2A HEM F . 7.91 13.91 -3.22
C3A HEM F . 7.71 13.70 -4.56
C4A HEM F . 6.89 14.78 -5.02
CMA HEM F . 8.26 12.56 -5.42
CAA HEM F . 8.73 13.02 -2.30
CBA HEM F . 7.83 12.13 -1.39
CGA HEM F . 8.63 11.32 -0.36
O1A HEM F . 9.56 10.52 -0.69
O2A HEM F . 8.37 11.45 0.88
C1B HEM F . 5.70 16.02 -6.77
C2B HEM F . 5.33 16.20 -8.11
C3B HEM F . 4.52 17.28 -8.16
C4B HEM F . 4.46 17.78 -6.79
CMB HEM F . 5.74 15.31 -9.24
CAB HEM F . 3.92 18.00 -9.28
CBB HEM F . 4.47 17.98 -10.49
C1C HEM F . 3.49 19.30 -5.14
C2C HEM F . 2.53 20.23 -4.73
C3C HEM F . 2.67 20.36 -3.36
C4C HEM F . 3.77 19.53 -2.99
CMC HEM F . 1.52 20.90 -5.60
CAC HEM F . 1.97 21.23 -2.40
CBC HEM F . 1.12 22.19 -2.72
C1D HEM F . 5.14 18.42 -1.35
C2D HEM F . 5.64 18.34 0.02
C3D HEM F . 6.46 17.32 0.06
C4D HEM F . 6.46 16.77 -1.31
CMD HEM F . 5.24 19.27 1.15
CAD HEM F . 7.27 16.85 1.26
CBD HEM F . 6.64 15.79 2.12
CGD HEM F . 7.58 15.45 3.28
O1D HEM F . 8.64 16.10 3.53
O2D HEM F . 7.27 14.48 3.98
NA HEM F . 6.60 15.63 -3.97
NB HEM F . 5.17 16.97 -6.03
NC HEM F . 4.21 18.89 -4.08
ND HEM F . 5.67 17.47 -2.13
FE HEM F . 5.43 17.24 -4.00
K K G . 12.86 25.96 2.78
CA CA H . -9.35 12.48 -2.92
#